data_3RRU
#
_entry.id   3RRU
#
_cell.length_a   122.047
_cell.length_b   122.047
_cell.length_c   55.095
_cell.angle_alpha   90.00
_cell.angle_beta   90.00
_cell.angle_gamma   120.00
#
_symmetry.space_group_name_H-M   'P 31 1 2'
#
_entity_poly.entity_id   1
_entity_poly.type   'polypeptide(L)'
_entity_poly.pdbx_seq_one_letter_code
;(MSE)GHHHHHHSHDPYATSVGHLIEKATFAGVQTEDWGQF(MSE)HICDIINTTQDGPKDAVKALKKRISKNYNHKEIQ
LTLSLID(MSE)CVQNCGPSFQSLIVKKEFVKENLVKLLNPRYNLPLDIQNRILNFIKTWSQGFPGGVDVSEVKEVYLDL
VKKG
;
_entity_poly.pdbx_strand_id   A,B
#
# COMPACT_ATOMS: atom_id res chain seq x y z
N ASP A 11 -1.18 -21.89 5.65
CA ASP A 11 -1.55 -20.46 5.32
C ASP A 11 -2.21 -19.66 6.46
N PRO A 12 -1.68 -18.48 6.78
CA PRO A 12 -2.26 -17.68 7.87
C PRO A 12 -3.73 -17.24 7.70
N TYR A 13 -4.07 -16.67 6.54
CA TYR A 13 -5.43 -16.18 6.26
C TYR A 13 -6.45 -17.30 6.10
N ALA A 14 -6.04 -18.52 6.42
CA ALA A 14 -6.89 -19.69 6.29
C ALA A 14 -7.67 -19.98 7.57
N THR A 15 -6.96 -19.94 8.69
CA THR A 15 -7.52 -20.18 10.03
C THR A 15 -8.76 -19.31 10.31
N SER A 16 -9.68 -19.82 11.11
CA SER A 16 -10.91 -19.09 11.43
C SER A 16 -10.63 -17.63 11.77
N VAL A 17 -9.85 -17.42 12.82
CA VAL A 17 -9.53 -16.07 13.23
C VAL A 17 -8.59 -15.39 12.22
N GLY A 18 -7.80 -16.19 11.52
CA GLY A 18 -6.89 -15.65 10.53
C GLY A 18 -7.63 -14.93 9.42
N HIS A 19 -8.76 -15.50 9.02
CA HIS A 19 -9.56 -14.90 7.97
C HIS A 19 -10.17 -13.58 8.41
N LEU A 20 -10.62 -13.52 9.66
CA LEU A 20 -11.25 -12.30 10.18
C LEU A 20 -10.24 -11.17 10.20
N ILE A 21 -8.98 -11.52 10.40
CA ILE A 21 -7.94 -10.52 10.42
C ILE A 21 -7.62 -10.06 9.00
N GLU A 22 -7.50 -10.99 8.06
CA GLU A 22 -7.21 -10.62 6.68
C GLU A 22 -8.24 -9.62 6.16
N LYS A 23 -9.50 -9.85 6.52
CA LYS A 23 -10.59 -8.98 6.09
C LYS A 23 -10.67 -7.66 6.85
N ALA A 24 -10.37 -7.68 8.15
CA ALA A 24 -10.45 -6.48 8.97
C ALA A 24 -9.36 -5.48 8.65
N THR A 25 -8.32 -5.95 7.98
CA THR A 25 -7.22 -5.05 7.62
C THR A 25 -7.06 -5.09 6.13
N PHE A 26 -8.12 -5.46 5.41
CA PHE A 26 -8.08 -5.55 3.96
C PHE A 26 -7.76 -4.20 3.35
N ALA A 27 -7.04 -4.22 2.23
CA ALA A 27 -6.66 -3.01 1.53
C ALA A 27 -7.85 -2.07 1.33
N GLY A 28 -9.00 -2.64 1.01
CA GLY A 28 -10.19 -1.85 0.78
C GLY A 28 -10.58 -0.87 1.89
N VAL A 29 -10.98 -1.42 3.03
CA VAL A 29 -11.40 -0.62 4.17
C VAL A 29 -10.49 0.58 4.35
N GLN A 30 -11.05 1.75 4.62
CA GLN A 30 -10.22 2.92 4.80
C GLN A 30 -10.20 3.36 6.26
N THR A 31 -11.01 2.71 7.09
CA THR A 31 -11.09 3.03 8.53
C THR A 31 -11.08 1.79 9.43
N GLU A 32 -10.89 2.00 10.72
CA GLU A 32 -10.88 0.88 11.66
C GLU A 32 -12.30 0.45 11.99
N ASP A 33 -12.57 -0.83 11.87
CA ASP A 33 -13.90 -1.33 12.22
C ASP A 33 -13.74 -1.85 13.64
N TRP A 34 -13.83 -0.95 14.61
CA TRP A 34 -13.67 -1.36 15.99
C TRP A 34 -14.65 -2.41 16.46
N GLY A 35 -15.81 -2.49 15.82
CA GLY A 35 -16.78 -3.49 16.23
C GLY A 35 -16.20 -4.85 15.88
N GLN A 36 -15.58 -4.90 14.70
CA GLN A 36 -14.96 -6.11 14.17
C GLN A 36 -13.72 -6.50 14.93
N PHE A 37 -12.89 -5.51 15.26
CA PHE A 37 -11.68 -5.79 16.03
C PHE A 37 -12.04 -6.43 17.35
N HIS A 39 -14.75 -8.15 18.00
CA HIS A 39 -15.17 -9.50 17.74
C HIS A 39 -13.95 -10.39 17.54
N ILE A 40 -12.90 -9.84 16.94
CA ILE A 40 -11.68 -10.61 16.72
C ILE A 40 -11.02 -11.00 18.03
N CYS A 41 -10.94 -10.06 18.97
CA CYS A 41 -10.31 -10.33 20.27
C CYS A 41 -11.05 -11.40 21.05
N ASP A 42 -12.37 -11.32 21.02
CA ASP A 42 -13.20 -12.28 21.71
C ASP A 42 -12.93 -13.69 21.18
N ILE A 43 -12.75 -13.81 19.87
CA ILE A 43 -12.46 -15.09 19.23
C ILE A 43 -11.09 -15.55 19.72
N ILE A 44 -10.15 -14.62 19.81
CA ILE A 44 -8.81 -14.93 20.26
C ILE A 44 -8.89 -15.48 21.66
N ASN A 45 -9.81 -14.95 22.46
CA ASN A 45 -9.94 -15.39 23.84
C ASN A 45 -10.77 -16.66 24.05
N THR A 46 -11.46 -17.11 23.02
CA THR A 46 -12.29 -18.32 23.13
C THR A 46 -11.59 -19.59 22.69
N THR A 47 -11.09 -19.61 21.45
CA THR A 47 -10.41 -20.78 20.91
C THR A 47 -9.12 -21.11 21.64
N GLN A 48 -8.76 -22.39 21.61
CA GLN A 48 -7.54 -22.89 22.26
C GLN A 48 -6.24 -22.26 21.74
N ASP A 49 -6.06 -22.24 20.42
CA ASP A 49 -4.85 -21.68 19.79
C ASP A 49 -5.11 -20.37 19.06
N GLY A 50 -6.15 -19.65 19.47
CA GLY A 50 -6.47 -18.39 18.82
C GLY A 50 -5.32 -17.40 18.82
N PRO A 51 -4.61 -17.21 19.94
CA PRO A 51 -3.48 -16.28 20.03
C PRO A 51 -2.37 -16.53 19.02
N LYS A 52 -1.92 -17.78 18.95
CA LYS A 52 -0.84 -18.19 18.05
C LYS A 52 -1.23 -17.96 16.59
N ASP A 53 -2.39 -18.48 16.24
CA ASP A 53 -2.92 -18.37 14.89
C ASP A 53 -3.15 -16.94 14.47
N ALA A 54 -3.53 -16.11 15.43
CA ALA A 54 -3.77 -14.71 15.16
C ALA A 54 -2.44 -14.07 14.82
N VAL A 55 -1.45 -14.23 15.68
CA VAL A 55 -0.16 -13.63 15.41
C VAL A 55 0.44 -14.07 14.07
N LYS A 56 0.16 -15.28 13.60
CA LYS A 56 0.71 -15.71 12.31
C LYS A 56 0.11 -14.89 11.18
N ALA A 57 -1.17 -14.55 11.32
CA ALA A 57 -1.85 -13.75 10.31
C ALA A 57 -1.36 -12.30 10.39
N LEU A 58 -1.35 -11.73 11.59
CA LEU A 58 -0.88 -10.37 11.77
C LEU A 58 0.53 -10.22 11.24
N LYS A 59 1.37 -11.22 11.51
CA LYS A 59 2.76 -11.18 11.05
C LYS A 59 2.75 -11.06 9.53
N LYS A 60 1.87 -11.84 8.89
CA LYS A 60 1.76 -11.80 7.43
C LYS A 60 1.38 -10.41 6.93
N ARG A 61 0.19 -9.96 7.30
CA ARG A 61 -0.29 -8.64 6.92
C ARG A 61 0.78 -7.56 7.07
N ILE A 62 1.50 -7.58 8.18
CA ILE A 62 2.55 -6.59 8.46
C ILE A 62 3.79 -6.71 7.58
N SER A 63 4.45 -7.87 7.62
CA SER A 63 5.68 -8.09 6.88
C SER A 63 5.83 -7.41 5.52
N LYS A 64 6.96 -6.70 5.37
CA LYS A 64 7.32 -5.98 4.14
C LYS A 64 6.12 -5.45 3.37
N ASN A 65 5.15 -4.87 4.08
CA ASN A 65 3.97 -4.33 3.44
C ASN A 65 4.15 -2.85 3.11
N TYR A 66 3.80 -2.45 1.89
CA TYR A 66 3.95 -1.05 1.48
C TYR A 66 2.66 -0.25 1.55
N ASN A 67 1.60 -0.88 2.01
CA ASN A 67 0.32 -0.20 2.09
C ASN A 67 0.18 0.62 3.37
N HIS A 68 -0.14 1.89 3.21
CA HIS A 68 -0.34 2.79 4.34
C HIS A 68 -1.40 2.29 5.29
N LYS A 69 -2.64 2.32 4.82
CA LYS A 69 -3.77 1.93 5.63
C LYS A 69 -3.70 0.52 6.18
N GLU A 70 -3.23 -0.44 5.40
CA GLU A 70 -3.16 -1.80 5.92
C GLU A 70 -2.31 -1.83 7.18
N ILE A 71 -1.17 -1.14 7.17
CA ILE A 71 -0.31 -1.11 8.34
C ILE A 71 -0.95 -0.31 9.45
N GLN A 72 -1.60 0.78 9.07
CA GLN A 72 -2.27 1.66 10.02
C GLN A 72 -3.38 0.89 10.74
N LEU A 73 -4.18 0.16 9.97
CA LEU A 73 -5.25 -0.65 10.53
C LEU A 73 -4.71 -1.82 11.34
N THR A 74 -3.72 -2.50 10.80
CA THR A 74 -3.14 -3.63 11.49
C THR A 74 -2.58 -3.23 12.85
N LEU A 75 -1.81 -2.15 12.90
CA LEU A 75 -1.28 -1.70 14.18
C LEU A 75 -2.46 -1.46 15.13
N SER A 76 -3.51 -0.78 14.67
CA SER A 76 -4.68 -0.52 15.51
C SER A 76 -5.30 -1.82 15.99
N LEU A 77 -5.25 -2.84 15.14
CA LEU A 77 -5.79 -4.14 15.49
C LEU A 77 -4.88 -4.83 16.52
N ILE A 78 -3.59 -4.58 16.42
CA ILE A 78 -2.64 -5.16 17.34
C ILE A 78 -2.83 -4.54 18.71
N ASP A 79 -2.75 -3.22 18.75
CA ASP A 79 -2.93 -2.48 19.99
C ASP A 79 -4.17 -2.92 20.75
N CYS A 81 -5.65 -6.20 20.67
CA CYS A 81 -5.41 -7.50 21.25
C CYS A 81 -4.43 -7.42 22.39
N VAL A 82 -3.51 -6.47 22.31
CA VAL A 82 -2.51 -6.35 23.36
C VAL A 82 -3.15 -6.05 24.70
N GLN A 83 -4.21 -5.26 24.69
CA GLN A 83 -4.84 -4.95 25.94
C GLN A 83 -6.17 -5.64 26.23
N ASN A 84 -6.58 -6.58 25.39
CA ASN A 84 -7.81 -7.32 25.60
C ASN A 84 -7.59 -8.83 25.75
N CYS A 85 -6.38 -9.30 25.51
CA CYS A 85 -6.06 -10.73 25.61
C CYS A 85 -4.91 -10.87 26.60
N GLY A 86 -4.90 -11.94 27.39
CA GLY A 86 -3.83 -12.06 28.37
C GLY A 86 -2.44 -12.15 27.78
N PRO A 87 -1.47 -12.61 28.59
CA PRO A 87 -0.08 -12.76 28.14
C PRO A 87 0.01 -13.83 27.06
N SER A 88 -0.98 -14.73 27.02
CA SER A 88 -1.01 -15.78 26.02
C SER A 88 -0.83 -15.15 24.63
N PHE A 89 -1.19 -13.87 24.53
CA PHE A 89 -1.05 -13.13 23.29
C PHE A 89 0.18 -12.23 23.39
N GLN A 90 0.21 -11.38 24.42
CA GLN A 90 1.31 -10.44 24.64
C GLN A 90 2.69 -11.05 24.52
N SER A 91 2.81 -12.32 24.90
CA SER A 91 4.08 -13.03 24.86
C SER A 91 4.56 -13.38 23.47
N LEU A 92 3.63 -13.45 22.53
CA LEU A 92 3.97 -13.81 21.15
C LEU A 92 4.30 -12.57 20.34
N ILE A 93 3.73 -11.45 20.75
CA ILE A 93 3.95 -10.21 20.03
C ILE A 93 5.28 -9.56 20.42
N VAL A 94 5.75 -9.82 21.64
CA VAL A 94 7.00 -9.22 22.07
C VAL A 94 8.18 -10.09 21.73
N LYS A 95 7.93 -11.24 21.11
CA LYS A 95 9.01 -12.12 20.73
C LYS A 95 9.83 -11.48 19.64
N LYS A 96 11.16 -11.60 19.72
CA LYS A 96 12.08 -11.01 18.75
C LYS A 96 11.74 -11.38 17.32
N GLU A 97 11.14 -12.54 17.14
CA GLU A 97 10.77 -13.02 15.81
C GLU A 97 9.70 -12.14 15.17
N PHE A 98 9.02 -11.35 16.00
CA PHE A 98 7.96 -10.47 15.52
C PHE A 98 8.37 -9.01 15.45
N VAL A 99 8.78 -8.44 16.57
CA VAL A 99 9.17 -7.05 16.56
C VAL A 99 10.41 -6.74 15.72
N LYS A 100 11.47 -7.51 15.90
CA LYS A 100 12.70 -7.25 15.16
C LYS A 100 12.66 -7.64 13.70
N GLU A 101 12.01 -8.75 13.39
CA GLU A 101 11.97 -9.22 12.01
C GLU A 101 10.73 -8.82 11.25
N ASN A 102 9.93 -7.90 11.82
CA ASN A 102 8.71 -7.48 11.15
C ASN A 102 8.36 -6.03 11.39
N LEU A 103 8.00 -5.72 12.63
CA LEU A 103 7.64 -4.37 13.01
C LEU A 103 8.73 -3.36 12.71
N VAL A 104 9.87 -3.53 13.36
CA VAL A 104 10.96 -2.61 13.16
C VAL A 104 11.43 -2.55 11.72
N LYS A 105 11.24 -3.61 10.95
CA LYS A 105 11.67 -3.58 9.56
C LYS A 105 10.99 -2.42 8.84
N LEU A 106 9.72 -2.20 9.13
CA LEU A 106 8.97 -1.12 8.49
C LEU A 106 9.57 0.27 8.68
N LEU A 107 10.41 0.44 9.69
CA LEU A 107 11.01 1.74 9.95
C LEU A 107 12.14 2.04 8.99
N ASN A 108 12.38 1.10 8.09
CA ASN A 108 13.40 1.23 7.07
C ASN A 108 12.92 2.25 6.06
N PRO A 109 13.85 3.06 5.52
CA PRO A 109 13.49 4.08 4.53
C PRO A 109 12.74 3.51 3.32
N ARG A 110 13.15 2.30 2.93
CA ARG A 110 12.56 1.60 1.80
C ARG A 110 11.03 1.65 1.76
N TYR A 111 10.41 1.54 2.93
CA TYR A 111 8.95 1.55 2.99
C TYR A 111 8.38 2.94 3.11
N ASN A 112 9.27 3.94 3.05
CA ASN A 112 8.88 5.33 3.12
C ASN A 112 7.55 5.63 3.82
N LEU A 113 7.28 4.98 4.94
CA LEU A 113 6.03 5.28 5.62
C LEU A 113 6.13 6.56 6.42
N PRO A 114 5.02 7.30 6.49
CA PRO A 114 4.89 8.58 7.20
C PRO A 114 5.31 8.58 8.67
N LEU A 115 5.79 9.73 9.15
CA LEU A 115 6.23 9.91 10.53
C LEU A 115 5.14 9.46 11.48
N ASP A 116 3.90 9.64 11.05
CA ASP A 116 2.78 9.23 11.87
C ASP A 116 2.95 7.77 12.20
N ILE A 117 2.89 6.91 11.18
CA ILE A 117 3.02 5.49 11.40
C ILE A 117 4.38 5.11 12.00
N GLN A 118 5.42 5.86 11.66
CA GLN A 118 6.73 5.57 12.22
C GLN A 118 6.74 5.73 13.73
N ASN A 119 6.29 6.88 14.23
CA ASN A 119 6.28 7.11 15.67
C ASN A 119 5.34 6.15 16.39
N ARG A 120 4.33 5.67 15.69
CA ARG A 120 3.41 4.74 16.31
C ARG A 120 4.14 3.44 16.56
N ILE A 121 5.00 3.04 15.62
CA ILE A 121 5.79 1.81 15.77
C ILE A 121 6.73 1.97 17.00
N LEU A 122 7.49 3.05 17.04
CA LEU A 122 8.39 3.28 18.16
C LEU A 122 7.62 3.26 19.46
N ASN A 123 6.42 3.85 19.44
CA ASN A 123 5.57 3.92 20.63
C ASN A 123 5.16 2.55 21.14
N PHE A 124 4.89 1.61 20.25
CA PHE A 124 4.53 0.28 20.72
C PHE A 124 5.74 -0.31 21.41
N ILE A 125 6.87 -0.23 20.73
CA ILE A 125 8.12 -0.75 21.26
C ILE A 125 8.37 -0.16 22.65
N LYS A 126 8.29 1.16 22.78
CA LYS A 126 8.50 1.79 24.07
C LYS A 126 7.48 1.33 25.13
N THR A 127 6.22 1.20 24.72
CA THR A 127 5.19 0.79 25.65
C THR A 127 5.30 -0.66 26.05
N TRP A 128 5.51 -1.54 25.07
CA TRP A 128 5.62 -2.95 25.39
C TRP A 128 6.86 -3.19 26.23
N SER A 129 7.85 -2.32 26.05
CA SER A 129 9.09 -2.44 26.81
C SER A 129 8.85 -2.19 28.31
N GLN A 130 7.77 -1.46 28.62
CA GLN A 130 7.38 -1.12 29.99
C GLN A 130 6.90 -2.36 30.76
N GLY A 131 6.75 -3.46 30.03
CA GLY A 131 6.29 -4.69 30.65
C GLY A 131 4.78 -4.71 30.79
N PHE A 132 4.23 -5.92 30.95
CA PHE A 132 2.80 -6.15 31.12
C PHE A 132 2.62 -6.89 32.45
N PRO A 133 1.39 -6.90 32.97
CA PRO A 133 1.10 -7.59 34.23
C PRO A 133 1.10 -9.11 34.04
N GLY A 134 1.83 -9.82 34.89
CA GLY A 134 1.88 -11.25 34.75
C GLY A 134 3.17 -11.72 34.11
N GLY A 135 3.14 -12.93 33.55
CA GLY A 135 4.32 -13.52 32.91
C GLY A 135 5.03 -12.59 31.93
N VAL A 136 4.69 -12.74 30.65
CA VAL A 136 5.25 -11.91 29.59
C VAL A 136 6.68 -11.41 29.78
N ASP A 137 7.63 -12.05 29.12
CA ASP A 137 9.02 -11.68 29.20
C ASP A 137 9.38 -10.69 28.09
N VAL A 138 9.60 -9.44 28.48
CA VAL A 138 9.90 -8.40 27.52
C VAL A 138 11.39 -8.09 27.33
N SER A 139 12.24 -8.99 27.80
CA SER A 139 13.68 -8.82 27.69
C SER A 139 14.16 -8.51 26.28
N GLU A 140 13.53 -9.15 25.30
CA GLU A 140 13.88 -8.96 23.90
C GLU A 140 13.45 -7.61 23.32
N VAL A 141 12.14 -7.34 23.36
CA VAL A 141 11.65 -6.08 22.82
C VAL A 141 12.32 -4.93 23.58
N LYS A 142 12.72 -5.19 24.82
CA LYS A 142 13.38 -4.21 25.66
C LYS A 142 14.66 -3.75 24.97
N GLU A 143 15.40 -4.69 24.40
CA GLU A 143 16.63 -4.34 23.72
C GLU A 143 16.38 -3.77 22.34
N VAL A 144 15.31 -4.23 21.69
CA VAL A 144 14.94 -3.76 20.37
C VAL A 144 14.61 -2.27 20.44
N TYR A 145 14.16 -1.86 21.62
CA TYR A 145 13.80 -0.47 21.86
C TYR A 145 15.03 0.36 22.08
N LEU A 146 15.94 -0.19 22.88
CA LEU A 146 17.18 0.51 23.20
C LEU A 146 17.95 0.84 21.93
N ASP A 147 17.95 -0.06 20.96
CA ASP A 147 18.67 0.17 19.74
C ASP A 147 18.07 1.31 18.96
N LEU A 148 16.75 1.36 18.91
CA LEU A 148 16.11 2.44 18.19
C LEU A 148 16.40 3.76 18.84
N VAL A 149 16.65 3.75 20.14
CA VAL A 149 16.95 4.97 20.89
C VAL A 149 18.39 5.41 20.65
N LYS A 150 19.31 4.46 20.73
CA LYS A 150 20.73 4.74 20.51
C LYS A 150 20.98 5.37 19.15
N LYS A 151 20.46 4.74 18.10
CA LYS A 151 20.63 5.30 16.77
C LYS A 151 19.35 6.03 16.35
N ASP B 11 -15.53 -5.43 -15.37
CA ASP B 11 -14.30 -5.28 -14.52
C ASP B 11 -12.96 -5.12 -15.27
N PRO B 12 -12.21 -4.04 -15.00
CA PRO B 12 -10.92 -3.78 -15.67
C PRO B 12 -9.91 -4.93 -15.68
N TYR B 13 -9.60 -5.49 -14.52
CA TYR B 13 -8.64 -6.58 -14.41
C TYR B 13 -9.08 -7.85 -15.12
N ALA B 14 -10.27 -7.80 -15.70
CA ALA B 14 -10.84 -8.95 -16.39
C ALA B 14 -10.33 -9.11 -17.83
N THR B 15 -10.50 -8.04 -18.62
CA THR B 15 -10.10 -8.00 -20.03
C THR B 15 -8.66 -8.49 -20.23
N SER B 16 -8.34 -8.90 -21.45
CA SER B 16 -7.01 -9.42 -21.78
C SER B 16 -5.86 -8.57 -21.24
N VAL B 17 -5.65 -7.44 -21.88
CA VAL B 17 -4.58 -6.54 -21.49
C VAL B 17 -4.75 -6.05 -20.04
N GLY B 18 -5.99 -6.02 -19.56
CA GLY B 18 -6.24 -5.58 -18.20
C GLY B 18 -5.64 -6.55 -17.20
N HIS B 19 -5.70 -7.83 -17.52
CA HIS B 19 -5.15 -8.81 -16.60
C HIS B 19 -3.63 -8.69 -16.49
N LEU B 20 -2.97 -8.40 -17.62
CA LEU B 20 -1.52 -8.26 -17.63
C LEU B 20 -1.08 -7.09 -16.77
N ILE B 21 -1.88 -6.04 -16.76
CA ILE B 21 -1.58 -4.87 -15.97
C ILE B 21 -1.78 -5.20 -14.50
N GLU B 22 -2.87 -5.89 -14.18
CA GLU B 22 -3.11 -6.27 -12.79
C GLU B 22 -1.91 -7.04 -12.24
N LYS B 23 -1.31 -7.92 -13.07
CA LYS B 23 -0.14 -8.69 -12.64
C LYS B 23 1.12 -7.85 -12.54
N ALA B 24 1.44 -7.14 -13.61
CA ALA B 24 2.63 -6.32 -13.66
C ALA B 24 2.73 -5.29 -12.55
N THR B 25 1.60 -4.86 -12.02
CA THR B 25 1.62 -3.87 -10.96
C THR B 25 1.12 -4.47 -9.68
N PHE B 26 1.14 -5.79 -9.60
CA PHE B 26 0.66 -6.48 -8.42
C PHE B 26 1.45 -6.09 -7.18
N ALA B 27 0.75 -6.10 -6.05
CA ALA B 27 1.35 -5.74 -4.77
C ALA B 27 2.67 -6.47 -4.56
N GLY B 28 2.61 -7.80 -4.60
CA GLY B 28 3.80 -8.62 -4.42
C GLY B 28 5.10 -8.10 -5.02
N VAL B 29 5.17 -8.08 -6.35
CA VAL B 29 6.37 -7.62 -7.06
C VAL B 29 6.91 -6.34 -6.45
N GLN B 30 8.18 -6.33 -6.04
CA GLN B 30 8.76 -5.14 -5.43
C GLN B 30 9.59 -4.33 -6.41
N THR B 31 9.64 -4.81 -7.66
CA THR B 31 10.42 -4.14 -8.70
C THR B 31 9.72 -4.10 -10.08
N GLU B 32 10.10 -3.15 -10.92
CA GLU B 32 9.51 -3.05 -12.25
C GLU B 32 9.96 -4.22 -13.11
N ASP B 33 9.06 -4.75 -13.92
CA ASP B 33 9.40 -5.82 -14.84
C ASP B 33 9.37 -5.21 -16.23
N TRP B 34 10.41 -4.47 -16.57
CA TRP B 34 10.46 -3.81 -17.86
C TRP B 34 10.21 -4.74 -19.03
N GLY B 35 10.55 -6.02 -18.87
CA GLY B 35 10.33 -6.94 -19.96
C GLY B 35 8.84 -7.12 -20.15
N GLN B 36 8.13 -7.22 -19.04
CA GLN B 36 6.69 -7.41 -19.06
C GLN B 36 5.95 -6.14 -19.46
N PHE B 37 6.44 -4.97 -19.04
CA PHE B 37 5.80 -3.71 -19.41
C PHE B 37 5.83 -3.56 -20.94
N HIS B 39 5.87 -6.00 -23.09
CA HIS B 39 4.89 -6.90 -23.63
C HIS B 39 3.50 -6.29 -23.55
N ILE B 40 3.20 -5.61 -22.44
CA ILE B 40 1.92 -4.96 -22.26
C ILE B 40 1.69 -3.93 -23.35
N CYS B 41 2.71 -3.13 -23.66
CA CYS B 41 2.60 -2.10 -24.69
C CYS B 41 2.32 -2.69 -26.07
N ASP B 42 3.04 -3.76 -26.39
CA ASP B 42 2.87 -4.42 -27.67
C ASP B 42 1.44 -4.98 -27.80
N ILE B 43 0.88 -5.50 -26.72
CA ILE B 43 -0.48 -6.04 -26.72
C ILE B 43 -1.42 -4.89 -27.03
N ILE B 44 -1.14 -3.75 -26.41
CA ILE B 44 -1.94 -2.55 -26.58
C ILE B 44 -1.85 -2.05 -28.01
N ASN B 45 -0.68 -2.16 -28.63
CA ASN B 45 -0.53 -1.70 -30.00
C ASN B 45 -1.02 -2.67 -31.08
N THR B 46 -1.69 -3.74 -30.68
CA THR B 46 -2.18 -4.72 -31.64
C THR B 46 -3.69 -4.85 -31.65
N THR B 47 -4.29 -4.86 -30.46
CA THR B 47 -5.74 -4.98 -30.33
C THR B 47 -6.44 -3.69 -30.69
N GLN B 48 -7.68 -3.81 -31.16
CA GLN B 48 -8.45 -2.64 -31.56
C GLN B 48 -8.79 -1.67 -30.41
N ASP B 49 -9.05 -2.23 -29.23
CA ASP B 49 -9.38 -1.45 -28.05
C ASP B 49 -8.41 -1.66 -26.89
N GLY B 50 -7.18 -2.03 -27.21
CA GLY B 50 -6.19 -2.24 -26.17
C GLY B 50 -5.99 -0.97 -25.36
N PRO B 51 -5.88 0.21 -26.01
CA PRO B 51 -5.70 1.47 -25.28
C PRO B 51 -6.79 1.73 -24.25
N LYS B 52 -8.03 1.81 -24.74
CA LYS B 52 -9.18 2.07 -23.90
C LYS B 52 -9.25 1.12 -22.71
N ASP B 53 -9.15 -0.17 -23.00
CA ASP B 53 -9.21 -1.20 -21.97
C ASP B 53 -8.05 -1.13 -21.00
N ALA B 54 -6.87 -0.80 -21.50
CA ALA B 54 -5.71 -0.70 -20.65
C ALA B 54 -5.87 0.49 -19.71
N VAL B 55 -6.32 1.62 -20.23
CA VAL B 55 -6.47 2.81 -19.40
C VAL B 55 -7.49 2.63 -18.29
N LYS B 56 -8.47 1.75 -18.51
CA LYS B 56 -9.50 1.46 -17.51
C LYS B 56 -8.88 0.66 -16.37
N ALA B 57 -7.91 -0.17 -16.70
CA ALA B 57 -7.24 -0.96 -15.68
C ALA B 57 -6.27 -0.06 -14.91
N LEU B 58 -5.47 0.72 -15.63
CA LEU B 58 -4.54 1.59 -14.96
C LEU B 58 -5.29 2.55 -14.07
N LYS B 59 -6.50 2.91 -14.44
CA LYS B 59 -7.28 3.85 -13.64
C LYS B 59 -7.61 3.17 -12.33
N LYS B 60 -8.11 1.94 -12.43
CA LYS B 60 -8.49 1.16 -11.25
C LYS B 60 -7.32 0.97 -10.30
N ARG B 61 -6.20 0.52 -10.84
CA ARG B 61 -5.02 0.28 -10.04
C ARG B 61 -4.53 1.52 -9.29
N ILE B 62 -4.59 2.65 -9.97
CA ILE B 62 -4.11 3.91 -9.42
C ILE B 62 -5.07 4.66 -8.49
N SER B 63 -6.37 4.56 -8.75
CA SER B 63 -7.36 5.28 -7.94
C SER B 63 -7.33 4.97 -6.45
N LYS B 64 -7.25 6.05 -5.65
CA LYS B 64 -7.23 5.97 -4.19
C LYS B 64 -6.43 4.79 -3.65
N ASN B 65 -5.28 4.53 -4.25
CA ASN B 65 -4.44 3.42 -3.84
C ASN B 65 -3.44 3.89 -2.78
N TYR B 66 -3.28 3.12 -1.71
CA TYR B 66 -2.36 3.49 -0.63
C TYR B 66 -1.05 2.73 -0.68
N ASN B 67 -0.89 1.90 -1.70
CA ASN B 67 0.33 1.11 -1.80
C ASN B 67 1.44 1.82 -2.55
N HIS B 68 2.55 2.04 -1.87
CA HIS B 68 3.70 2.69 -2.46
C HIS B 68 4.14 2.05 -3.76
N LYS B 69 4.59 0.81 -3.66
CA LYS B 69 5.09 0.12 -4.82
C LYS B 69 4.08 -0.02 -5.94
N GLU B 70 2.80 -0.21 -5.61
CA GLU B 70 1.83 -0.33 -6.68
C GLU B 70 1.76 0.96 -7.48
N ILE B 71 1.75 2.10 -6.80
CA ILE B 71 1.70 3.38 -7.51
C ILE B 71 3.00 3.64 -8.24
N GLN B 72 4.11 3.29 -7.60
CA GLN B 72 5.44 3.47 -8.16
C GLN B 72 5.56 2.66 -9.44
N LEU B 73 5.12 1.41 -9.39
CA LEU B 73 5.17 0.53 -10.56
C LEU B 73 4.19 0.98 -11.62
N THR B 74 2.98 1.32 -11.20
CA THR B 74 1.98 1.76 -12.15
C THR B 74 2.44 2.99 -12.92
N LEU B 75 2.95 4.00 -12.21
CA LEU B 75 3.43 5.17 -12.91
C LEU B 75 4.50 4.74 -13.92
N SER B 76 5.43 3.88 -13.53
CA SER B 76 6.46 3.40 -14.44
C SER B 76 5.85 2.71 -15.66
N LEU B 77 4.73 2.03 -15.42
CA LEU B 77 4.05 1.33 -16.50
C LEU B 77 3.36 2.33 -17.40
N ILE B 78 2.88 3.43 -16.82
CA ILE B 78 2.19 4.47 -17.59
C ILE B 78 3.20 5.16 -18.48
N ASP B 79 4.26 5.66 -17.86
CA ASP B 79 5.33 6.35 -18.57
C ASP B 79 5.80 5.55 -19.79
N CYS B 81 3.83 3.24 -21.72
CA CYS B 81 2.81 3.29 -22.75
C CYS B 81 2.72 4.66 -23.36
N VAL B 82 3.04 5.69 -22.58
CA VAL B 82 2.94 7.04 -23.09
C VAL B 82 3.90 7.26 -24.24
N GLN B 83 5.06 6.63 -24.19
CA GLN B 83 6.00 6.82 -25.25
C GLN B 83 6.18 5.65 -26.21
N ASN B 84 5.35 4.62 -26.08
CA ASN B 84 5.42 3.46 -26.98
C ASN B 84 4.12 3.21 -27.75
N CYS B 85 3.06 3.96 -27.42
CA CYS B 85 1.77 3.79 -28.09
C CYS B 85 1.39 5.16 -28.64
N GLY B 86 0.74 5.20 -29.80
CA GLY B 86 0.40 6.50 -30.34
C GLY B 86 -0.54 7.34 -29.50
N PRO B 87 -1.15 8.37 -30.11
CA PRO B 87 -2.09 9.25 -29.39
C PRO B 87 -3.32 8.45 -28.98
N SER B 88 -3.58 7.35 -29.68
CA SER B 88 -4.72 6.51 -29.36
C SER B 88 -4.70 6.19 -27.86
N PHE B 89 -3.51 6.26 -27.27
CA PHE B 89 -3.33 6.02 -25.84
C PHE B 89 -3.18 7.37 -25.13
N GLN B 90 -2.19 8.15 -25.57
CA GLN B 90 -1.91 9.46 -24.98
C GLN B 90 -3.14 10.33 -24.77
N SER B 91 -4.12 10.21 -25.66
CA SER B 91 -5.34 11.00 -25.58
C SER B 91 -6.27 10.61 -24.45
N LEU B 92 -6.14 9.38 -23.97
CA LEU B 92 -7.00 8.90 -22.91
C LEU B 92 -6.40 9.18 -21.56
N ILE B 93 -5.08 9.27 -21.52
CA ILE B 93 -4.39 9.51 -20.27
C ILE B 93 -4.40 10.98 -19.90
N VAL B 94 -4.47 11.86 -20.89
CA VAL B 94 -4.48 13.28 -20.60
C VAL B 94 -5.88 13.81 -20.38
N LYS B 95 -6.87 12.94 -20.50
CA LYS B 95 -8.25 13.35 -20.28
C LYS B 95 -8.44 13.73 -18.81
N LYS B 96 -9.18 14.81 -18.57
CA LYS B 96 -9.42 15.28 -17.21
C LYS B 96 -9.99 14.21 -16.30
N GLU B 97 -10.69 13.26 -16.88
CA GLU B 97 -11.30 12.17 -16.11
C GLU B 97 -10.25 11.28 -15.48
N PHE B 98 -9.01 11.37 -15.98
CA PHE B 98 -7.91 10.56 -15.48
C PHE B 98 -6.95 11.34 -14.60
N VAL B 99 -6.34 12.38 -15.15
CA VAL B 99 -5.39 13.15 -14.35
C VAL B 99 -6.00 13.85 -13.14
N LYS B 100 -7.10 14.56 -13.35
CA LYS B 100 -7.71 15.30 -12.24
C LYS B 100 -8.45 14.44 -11.24
N GLU B 101 -9.14 13.41 -11.70
CA GLU B 101 -9.91 12.56 -10.81
C GLU B 101 -9.19 11.32 -10.36
N ASN B 102 -7.88 11.23 -10.61
CA ASN B 102 -7.13 10.05 -10.21
C ASN B 102 -5.70 10.35 -9.82
N LEU B 103 -4.90 10.74 -10.81
CA LEU B 103 -3.50 11.07 -10.59
C LEU B 103 -3.31 12.14 -9.54
N VAL B 104 -3.82 13.32 -9.82
CA VAL B 104 -3.65 14.41 -8.90
C VAL B 104 -4.27 14.14 -7.53
N LYS B 105 -5.27 13.26 -7.46
CA LYS B 105 -5.87 12.98 -6.17
C LYS B 105 -4.80 12.46 -5.22
N LEU B 106 -3.89 11.62 -5.74
CA LEU B 106 -2.83 11.05 -4.91
C LEU B 106 -1.93 12.08 -4.23
N LEU B 107 -1.92 13.31 -4.75
CA LEU B 107 -1.08 14.34 -4.16
C LEU B 107 -1.66 14.90 -2.87
N ASN B 108 -2.82 14.36 -2.51
CA ASN B 108 -3.53 14.75 -1.30
C ASN B 108 -2.75 14.21 -0.11
N PRO B 109 -2.70 14.97 0.99
CA PRO B 109 -1.99 14.54 2.19
C PRO B 109 -2.45 13.17 2.69
N ARG B 110 -3.74 12.92 2.56
CA ARG B 110 -4.36 11.67 2.99
C ARG B 110 -3.57 10.43 2.59
N TYR B 111 -3.01 10.44 1.39
CA TYR B 111 -2.27 9.28 0.91
C TYR B 111 -0.81 9.31 1.31
N ASN B 112 -0.45 10.33 2.10
CA ASN B 112 0.91 10.50 2.58
C ASN B 112 2.01 9.85 1.76
N LEU B 113 1.93 9.94 0.44
CA LEU B 113 2.99 9.33 -0.34
C LEU B 113 4.25 10.20 -0.37
N PRO B 114 5.42 9.57 -0.40
CA PRO B 114 6.74 10.21 -0.42
C PRO B 114 6.96 11.26 -1.51
N LEU B 115 7.80 12.25 -1.21
CA LEU B 115 8.14 13.32 -2.14
C LEU B 115 8.58 12.74 -3.46
N ASP B 116 9.22 11.58 -3.39
CA ASP B 116 9.69 10.92 -4.60
C ASP B 116 8.50 10.75 -5.52
N ILE B 117 7.54 9.93 -5.11
CA ILE B 117 6.36 9.70 -5.92
C ILE B 117 5.57 10.97 -6.21
N GLN B 118 5.57 11.91 -5.26
CA GLN B 118 4.84 13.15 -5.46
C GLN B 118 5.41 13.92 -6.64
N ASN B 119 6.71 14.18 -6.63
CA ASN B 119 7.34 14.92 -7.73
C ASN B 119 7.24 14.18 -9.05
N ARG B 120 7.13 12.86 -9.00
CA ARG B 120 7.01 12.11 -10.22
C ARG B 120 5.66 12.41 -10.84
N ILE B 121 4.63 12.53 -10.00
CA ILE B 121 3.28 12.85 -10.48
C ILE B 121 3.32 14.24 -11.14
N LEU B 122 3.84 15.25 -10.43
CA LEU B 122 3.91 16.59 -10.99
C LEU B 122 4.66 16.57 -12.30
N ASN B 123 5.73 15.78 -12.35
CA ASN B 123 6.55 15.67 -13.56
C ASN B 123 5.78 15.13 -14.75
N PHE B 124 4.88 14.19 -14.53
CA PHE B 124 4.11 13.68 -15.66
C PHE B 124 3.22 14.80 -16.17
N ILE B 125 2.53 15.45 -15.24
CA ILE B 125 1.66 16.56 -15.55
C ILE B 125 2.43 17.61 -16.36
N LYS B 126 3.57 18.03 -15.86
CA LYS B 126 4.38 19.02 -16.56
C LYS B 126 4.82 18.53 -17.96
N THR B 127 5.21 17.26 -18.05
CA THR B 127 5.66 16.73 -19.32
C THR B 127 4.54 16.54 -20.31
N TRP B 128 3.42 15.97 -19.86
CA TRP B 128 2.31 15.76 -20.77
C TRP B 128 1.76 17.10 -21.20
N SER B 129 1.92 18.11 -20.35
CA SER B 129 1.43 19.44 -20.68
C SER B 129 2.21 20.04 -21.84
N GLN B 130 3.44 19.57 -22.05
CA GLN B 130 4.33 20.04 -23.11
C GLN B 130 3.90 19.57 -24.49
N GLY B 131 2.72 18.96 -24.58
CA GLY B 131 2.22 18.46 -25.85
C GLY B 131 2.82 17.14 -26.30
N PHE B 132 2.20 16.52 -27.31
CA PHE B 132 2.67 15.27 -27.88
C PHE B 132 2.56 15.41 -29.38
N PRO B 133 3.38 14.65 -30.13
CA PRO B 133 3.34 14.71 -31.59
C PRO B 133 2.00 14.19 -32.12
N GLY B 134 1.47 14.87 -33.13
CA GLY B 134 0.20 14.44 -33.68
C GLY B 134 -0.97 15.15 -33.04
N GLY B 135 -2.16 14.54 -33.15
CA GLY B 135 -3.37 15.11 -32.58
C GLY B 135 -3.23 15.40 -31.09
N VAL B 136 -3.76 14.50 -30.27
CA VAL B 136 -3.68 14.60 -28.81
C VAL B 136 -3.80 16.01 -28.21
N ASP B 137 -5.00 16.34 -27.76
CA ASP B 137 -5.29 17.63 -27.16
C ASP B 137 -4.92 17.63 -25.68
N VAL B 138 -3.97 18.46 -25.29
CA VAL B 138 -3.54 18.50 -23.91
C VAL B 138 -4.05 19.70 -23.14
N SER B 139 -5.03 20.38 -23.72
CA SER B 139 -5.62 21.57 -23.11
C SER B 139 -6.02 21.39 -21.65
N GLU B 140 -6.65 20.25 -21.36
CA GLU B 140 -7.10 19.90 -20.02
C GLU B 140 -5.96 19.70 -19.02
N VAL B 141 -5.08 18.75 -19.30
CA VAL B 141 -3.97 18.48 -18.39
C VAL B 141 -3.10 19.73 -18.21
N LYS B 142 -3.13 20.63 -19.20
CA LYS B 142 -2.35 21.87 -19.17
C LYS B 142 -2.86 22.77 -18.05
N GLU B 143 -4.18 22.80 -17.86
CA GLU B 143 -4.75 23.64 -16.81
C GLU B 143 -4.63 22.94 -15.46
N VAL B 144 -4.65 21.62 -15.49
CA VAL B 144 -4.51 20.84 -14.27
C VAL B 144 -3.10 21.01 -13.74
N TYR B 145 -2.17 21.32 -14.64
CA TYR B 145 -0.79 21.53 -14.28
C TYR B 145 -0.63 22.87 -13.64
N LEU B 146 -1.21 23.88 -14.28
CA LEU B 146 -1.15 25.24 -13.77
C LEU B 146 -1.66 25.35 -12.36
N ASP B 147 -2.72 24.62 -12.04
CA ASP B 147 -3.27 24.70 -10.70
C ASP B 147 -2.29 24.24 -9.67
N LEU B 148 -1.54 23.21 -10.01
CA LEU B 148 -0.55 22.68 -9.09
C LEU B 148 0.60 23.66 -8.94
N VAL B 149 0.85 24.42 -9.99
CA VAL B 149 1.94 25.40 -9.95
C VAL B 149 1.52 26.60 -9.14
N LYS B 150 0.27 27.04 -9.32
CA LYS B 150 -0.27 28.20 -8.61
C LYS B 150 -0.30 28.00 -7.10
N LYS B 151 -0.96 26.94 -6.66
CA LYS B 151 -1.04 26.64 -5.23
C LYS B 151 0.24 25.92 -4.81
#